data_3RMQ
#
_entry.id   3RMQ
#
_cell.length_a   79.225
_cell.length_b   79.225
_cell.length_c   47.051
_cell.angle_alpha   90.00
_cell.angle_beta   90.00
_cell.angle_gamma   120.00
#
_symmetry.space_group_name_H-M   'P 61'
#
loop_
_entity.id
_entity.type
_entity.pdbx_description
1 polymer 'uncharacterized protein'
2 non-polymer 'ZINC ION'
3 non-polymer 2-AMINO-2-HYDROXYMETHYL-PROPANE-1,3-DIOL
4 non-polymer 'CHLORIDE ION'
5 water water
#
_entity_poly.entity_id   1
_entity_poly.type   'polypeptide(L)'
_entity_poly.pdbx_seq_one_letter_code
;SNA(MSE)QRYLWQQADGKRHVYDTARHRVQAGRPFTALCGETVTPQTERGDLTAGLWFDGECPVCTIALAKALGWP
(MSE)REISDLAHRFDWSPALITRLAEVLHCSFGEVVELTGAR(MSE)VDA
;
_entity_poly.pdbx_strand_id   A
#
loop_
_chem_comp.id
_chem_comp.type
_chem_comp.name
_chem_comp.formula
CL non-polymer 'CHLORIDE ION' 'Cl -1'
TRS non-polymer 2-AMINO-2-HYDROXYMETHYL-PROPANE-1,3-DIOL 'C4 H12 N O3 1'
ZN non-polymer 'ZINC ION' 'Zn 2'
#
# COMPACT_ATOMS: atom_id res chain seq x y z
N MSE A 4 -0.27 8.63 18.95
CA MSE A 4 0.05 8.53 17.48
C MSE A 4 -0.65 7.32 16.85
O MSE A 4 -0.80 6.25 17.48
CB MSE A 4 1.55 8.43 17.29
CG MSE A 4 1.97 8.47 15.84
SE MSE A 4 3.94 8.42 15.61
CE MSE A 4 4.03 9.08 13.78
N GLN A 5 -1.13 7.45 15.60
CA GLN A 5 -1.84 6.34 15.01
C GLN A 5 -0.84 5.28 14.60
N ARG A 6 -1.28 4.02 14.56
CA ARG A 6 -0.34 2.93 14.25
C ARG A 6 0.10 2.99 12.80
N TYR A 7 -0.83 3.36 11.91
CA TYR A 7 -0.50 3.40 10.48
C TYR A 7 -0.82 4.76 9.89
N LEU A 8 0.05 5.25 9.03
CA LEU A 8 -0.17 6.56 8.39
C LEU A 8 0.19 6.44 6.91
N TRP A 9 -0.30 7.38 6.10
CA TRP A 9 -0.01 7.41 4.69
C TRP A 9 1.22 8.26 4.42
N GLN A 10 1.97 7.91 3.36
CA GLN A 10 3.07 8.75 2.90
C GLN A 10 3.31 8.51 1.42
N GLN A 11 3.32 9.59 0.63
CA GLN A 11 3.56 9.45 -0.83
C GLN A 11 5.05 9.25 -1.04
N ALA A 12 5.41 8.30 -1.90
CA ALA A 12 6.82 8.10 -2.26
C ALA A 12 6.90 7.16 -3.44
N ASP A 13 7.84 7.46 -4.33
CA ASP A 13 8.10 6.63 -5.49
C ASP A 13 6.85 6.38 -6.29
N GLY A 14 6.06 7.42 -6.47
CA GLY A 14 4.93 7.37 -7.37
C GLY A 14 3.62 6.79 -6.82
N LYS A 15 3.55 6.41 -5.56
CA LYS A 15 2.26 5.99 -5.01
C LYS A 15 2.09 6.52 -3.62
N ARG A 16 0.86 6.49 -3.12
CA ARG A 16 0.64 6.85 -1.74
C ARG A 16 0.67 5.55 -0.91
N HIS A 17 1.78 5.32 -0.17
CA HIS A 17 1.96 4.07 0.55
C HIS A 17 1.49 4.25 1.98
N VAL A 18 1.49 3.16 2.75
CA VAL A 18 1.11 3.18 4.17
C VAL A 18 2.35 2.71 4.87
N TYR A 19 2.65 3.31 6.02
CA TYR A 19 3.74 2.78 6.82
C TYR A 19 3.33 2.54 8.28
N ASP A 20 4.07 1.65 8.93
CA ASP A 20 3.87 1.31 10.36
C ASP A 20 4.68 2.33 11.19
N THR A 21 3.98 3.17 11.94
CA THR A 21 4.65 4.28 12.63
C THR A 21 5.39 3.72 13.86
N ALA A 22 5.22 2.43 14.16
CA ALA A 22 6.03 1.80 15.25
C ALA A 22 7.37 1.35 14.70
N ARG A 23 7.53 1.41 13.36
N ARG A 23 7.52 1.39 13.37
CA ARG A 23 8.74 0.91 12.70
CA ARG A 23 8.75 0.92 12.71
C ARG A 23 9.53 2.01 11.98
C ARG A 23 9.54 2.03 12.04
N HIS A 24 8.85 3.04 11.51
CA HIS A 24 9.52 4.09 10.77
C HIS A 24 9.07 5.49 11.16
N ARG A 25 10.01 6.43 11.02
CA ARG A 25 9.75 7.86 11.04
C ARG A 25 10.05 8.37 9.67
N VAL A 26 9.14 9.08 9.03
CA VAL A 26 9.40 9.60 7.69
C VAL A 26 10.22 10.89 7.67
N GLN A 27 11.10 11.05 6.67
CA GLN A 27 11.93 12.25 6.55
C GLN A 27 12.44 12.33 5.12
N ALA A 28 12.51 13.54 4.57
CA ALA A 28 12.89 13.68 3.18
C ALA A 28 14.25 13.02 2.99
N GLY A 29 14.45 12.28 1.89
CA GLY A 29 15.74 11.68 1.61
C GLY A 29 16.09 10.44 2.42
N ARG A 30 15.19 10.00 3.30
CA ARG A 30 15.43 8.82 4.13
C ARG A 30 14.51 7.71 3.65
N PRO A 31 15.05 6.50 3.44
CA PRO A 31 14.16 5.41 2.99
C PRO A 31 13.27 4.93 4.11
N PHE A 32 12.07 4.47 3.77
CA PHE A 32 11.31 3.66 4.70
C PHE A 32 10.72 2.50 3.93
N THR A 33 10.26 1.49 4.64
CA THR A 33 9.66 0.36 3.97
C THR A 33 8.16 0.41 4.29
N ALA A 34 7.38 0.40 3.23
CA ALA A 34 5.91 0.46 3.36
C ALA A 34 5.31 -0.90 3.74
N LEU A 35 4.01 -0.93 4.04
CA LEU A 35 3.36 -2.22 4.38
C LEU A 35 3.49 -3.20 3.20
N CYS A 36 3.59 -2.69 1.99
CA CYS A 36 3.63 -3.59 0.82
C CYS A 36 5.01 -4.18 0.65
N GLY A 37 5.96 -3.72 1.45
CA GLY A 37 7.31 -4.28 1.36
C GLY A 37 8.30 -3.51 0.50
N GLU A 38 7.82 -2.54 -0.26
N GLU A 38 7.83 -2.53 -0.26
CA GLU A 38 8.73 -1.68 -1.03
CA GLU A 38 8.72 -1.69 -1.06
C GLU A 38 9.51 -0.81 -0.05
C GLU A 38 9.47 -0.69 -0.17
N THR A 39 10.79 -0.58 -0.36
CA THR A 39 11.59 0.42 0.35
C THR A 39 11.65 1.64 -0.54
N VAL A 40 11.17 2.77 -0.04
CA VAL A 40 11.00 3.97 -0.88
C VAL A 40 11.51 5.20 -0.11
N THR A 41 11.79 6.29 -0.82
CA THR A 41 12.35 7.50 -0.18
C THR A 41 11.56 8.71 -0.65
N PRO A 42 10.93 9.45 0.28
CA PRO A 42 10.19 10.66 -0.10
C PRO A 42 11.13 11.70 -0.68
N GLN A 43 10.72 12.37 -1.76
N GLN A 43 10.70 12.36 -1.77
CA GLN A 43 11.58 13.38 -2.40
CA GLN A 43 11.52 13.37 -2.47
C GLN A 43 10.75 14.63 -2.69
C GLN A 43 10.71 14.65 -2.67
N THR A 44 11.33 15.79 -2.42
CA THR A 44 10.60 17.04 -2.55
C THR A 44 10.18 17.28 -4.00
N GLU A 45 11.03 16.90 -4.95
CA GLU A 45 10.72 17.13 -6.37
C GLU A 45 9.48 16.39 -6.83
N ARG A 46 9.10 15.32 -6.12
CA ARG A 46 7.91 14.55 -6.49
C ARG A 46 6.66 14.98 -5.71
N GLY A 47 6.83 16.06 -4.94
CA GLY A 47 5.74 16.58 -4.10
C GLY A 47 5.50 15.74 -2.84
N ASP A 48 6.44 14.85 -2.52
CA ASP A 48 6.19 13.89 -1.44
C ASP A 48 6.18 14.51 -0.04
N LEU A 49 6.79 15.69 0.15
CA LEU A 49 6.83 16.25 1.52
C LEU A 49 5.80 17.38 1.75
N THR A 50 4.84 17.52 0.84
CA THR A 50 3.70 18.43 1.09
C THR A 50 2.45 17.64 0.84
N ALA A 51 1.72 17.26 1.91
CA ALA A 51 0.63 16.30 1.72
C ALA A 51 -0.50 16.93 0.89
N GLY A 52 -0.58 18.27 0.87
CA GLY A 52 -1.55 18.91 -0.02
C GLY A 52 -1.22 18.75 -1.51
N LEU A 53 -0.01 18.34 -1.81
CA LEU A 53 0.40 18.10 -3.19
C LEU A 53 0.49 16.59 -3.51
N TRP A 54 -0.09 15.73 -2.67
CA TRP A 54 -0.01 14.31 -2.95
C TRP A 54 -1.02 13.91 -4.00
N PHE A 55 -0.59 13.87 -5.26
CA PHE A 55 -1.53 13.55 -6.34
C PHE A 55 -1.34 12.12 -6.88
N ASP A 56 -0.32 11.41 -6.41
CA ASP A 56 -0.12 10.04 -6.87
C ASP A 56 -1.27 9.16 -6.41
N GLY A 57 -1.54 8.09 -7.14
CA GLY A 57 -2.59 7.19 -6.75
C GLY A 57 -2.20 6.39 -5.52
N GLU A 58 -3.19 5.94 -4.73
CA GLU A 58 -2.86 5.07 -3.60
C GLU A 58 -2.21 3.75 -4.05
N CYS A 59 -1.28 3.24 -3.26
CA CYS A 59 -0.65 1.94 -3.48
C CYS A 59 -1.71 0.87 -3.22
N PRO A 60 -2.09 0.08 -4.25
CA PRO A 60 -3.15 -0.90 -4.00
C PRO A 60 -2.76 -1.91 -2.93
N VAL A 61 -1.49 -2.30 -2.90
CA VAL A 61 -1.08 -3.35 -1.95
C VAL A 61 -1.15 -2.83 -0.50
N CYS A 62 -0.58 -1.66 -0.28
CA CYS A 62 -0.65 -1.02 1.04
C CYS A 62 -2.10 -0.82 1.51
N THR A 63 -2.98 -0.41 0.60
CA THR A 63 -4.38 -0.12 0.98
C THR A 63 -5.07 -1.40 1.50
N ILE A 64 -4.90 -2.51 0.76
CA ILE A 64 -5.48 -3.79 1.13
C ILE A 64 -4.77 -4.32 2.40
N ALA A 65 -3.44 -4.21 2.46
CA ALA A 65 -2.69 -4.65 3.66
C ALA A 65 -3.19 -3.91 4.93
N LEU A 66 -3.43 -2.61 4.81
CA LEU A 66 -3.97 -1.81 5.93
C LEU A 66 -5.37 -2.29 6.33
N ALA A 67 -6.29 -2.45 5.36
CA ALA A 67 -7.61 -3.01 5.72
C ALA A 67 -7.48 -4.33 6.46
N LYS A 68 -6.61 -5.20 5.97
CA LYS A 68 -6.45 -6.51 6.60
C LYS A 68 -5.92 -6.34 8.04
N ALA A 69 -4.89 -5.48 8.19
CA ALA A 69 -4.25 -5.25 9.48
C ALA A 69 -5.28 -4.71 10.45
N LEU A 70 -6.25 -3.96 9.93
CA LEU A 70 -7.25 -3.34 10.79
C LEU A 70 -8.40 -4.31 11.11
N GLY A 71 -8.35 -5.50 10.53
CA GLY A 71 -9.26 -6.57 10.92
C GLY A 71 -10.50 -6.73 10.04
N TRP A 72 -10.53 -6.12 8.86
CA TRP A 72 -11.72 -6.29 8.01
C TRP A 72 -11.91 -7.71 7.55
N PRO A 73 -13.19 -8.14 7.40
CA PRO A 73 -13.48 -9.43 6.80
C PRO A 73 -13.08 -9.42 5.34
N MSE A 74 -12.81 -10.59 4.77
CA MSE A 74 -12.41 -10.70 3.38
C MSE A 74 -13.41 -10.07 2.43
O MSE A 74 -13.01 -9.43 1.46
CB MSE A 74 -12.15 -12.16 3.00
CG MSE A 74 -10.94 -12.75 3.71
SE MSE A 74 -9.22 -11.83 3.35
CE MSE A 74 -8.39 -13.30 2.34
N ARG A 75 -14.70 -10.20 2.68
CA ARG A 75 -15.64 -9.66 1.70
C ARG A 75 -15.54 -8.14 1.58
N GLU A 76 -15.33 -7.43 2.68
CA GLU A 76 -15.19 -5.97 2.60
C GLU A 76 -13.85 -5.54 2.03
N ILE A 77 -12.81 -6.31 2.28
CA ILE A 77 -11.52 -6.04 1.66
C ILE A 77 -11.69 -6.22 0.13
N SER A 78 -12.46 -7.22 -0.27
CA SER A 78 -12.63 -7.49 -1.67
C SER A 78 -13.28 -6.30 -2.38
N ASP A 79 -14.34 -5.74 -1.78
CA ASP A 79 -15.01 -4.54 -2.33
C ASP A 79 -14.05 -3.39 -2.52
N LEU A 80 -13.16 -3.21 -1.56
CA LEU A 80 -12.14 -2.17 -1.59
C LEU A 80 -11.19 -2.36 -2.80
N ALA A 81 -10.73 -3.59 -3.00
CA ALA A 81 -9.68 -3.88 -3.97
C ALA A 81 -10.19 -3.63 -5.37
N HIS A 82 -11.51 -3.72 -5.52
CA HIS A 82 -12.08 -3.67 -6.83
C HIS A 82 -11.82 -2.34 -7.48
N ARG A 83 -11.47 -1.30 -6.72
CA ARG A 83 -11.26 -0.01 -7.37
C ARG A 83 -9.84 0.28 -7.87
N PHE A 84 -8.92 -0.67 -7.74
CA PHE A 84 -7.55 -0.50 -8.27
C PHE A 84 -7.31 -1.34 -9.52
N ASP A 85 -6.29 -0.97 -10.30
CA ASP A 85 -5.77 -1.81 -11.38
C ASP A 85 -4.63 -2.68 -10.83
N TRP A 86 -4.67 -3.96 -11.13
CA TRP A 86 -3.78 -4.93 -10.51
C TRP A 86 -2.88 -5.64 -11.53
N SER A 87 -1.61 -5.24 -11.57
CA SER A 87 -0.65 -5.86 -12.44
C SER A 87 -0.08 -7.11 -11.76
N PRO A 88 0.62 -7.96 -12.53
CA PRO A 88 1.20 -9.14 -11.90
C PRO A 88 2.18 -8.74 -10.82
N ALA A 89 2.88 -7.62 -10.99
CA ALA A 89 3.82 -7.18 -9.99
C ALA A 89 3.07 -6.89 -8.68
N LEU A 90 1.93 -6.21 -8.78
CA LEU A 90 1.17 -5.85 -7.57
C LEU A 90 0.51 -7.04 -6.92
N ILE A 91 -0.08 -7.92 -7.73
CA ILE A 91 -0.77 -9.09 -7.21
C ILE A 91 0.21 -10.00 -6.52
N THR A 92 1.36 -10.23 -7.12
CA THR A 92 2.27 -11.17 -6.49
C THR A 92 2.89 -10.50 -5.25
N ARG A 93 3.03 -9.18 -5.26
CA ARG A 93 3.46 -8.46 -4.06
C ARG A 93 2.40 -8.58 -2.92
N LEU A 94 1.11 -8.47 -3.25
CA LEU A 94 0.06 -8.61 -2.21
C LEU A 94 0.06 -10.04 -1.66
N ALA A 95 0.30 -11.03 -2.52
CA ALA A 95 0.32 -12.44 -2.06
C ALA A 95 1.45 -12.70 -1.06
N GLU A 96 2.50 -11.88 -1.09
CA GLU A 96 3.59 -12.05 -0.15
C GLU A 96 3.18 -11.52 1.23
N VAL A 97 2.19 -10.64 1.26
CA VAL A 97 1.70 -9.99 2.47
C VAL A 97 0.54 -10.73 3.10
N LEU A 98 -0.35 -11.28 2.28
CA LEU A 98 -1.52 -11.99 2.80
C LEU A 98 -1.11 -13.44 3.08
N HIS A 99 -1.90 -14.17 3.86
CA HIS A 99 -1.51 -15.53 4.20
C HIS A 99 -2.38 -16.58 3.55
N CYS A 100 -3.39 -16.14 2.81
CA CYS A 100 -4.24 -17.06 2.08
C CYS A 100 -3.56 -17.57 0.78
N SER A 101 -4.22 -18.43 0.01
CA SER A 101 -3.59 -19.02 -1.19
C SER A 101 -3.51 -17.97 -2.29
N PHE A 102 -2.66 -18.19 -3.29
CA PHE A 102 -2.49 -17.20 -4.33
C PHE A 102 -3.81 -17.00 -5.05
N GLY A 103 -4.55 -18.09 -5.26
CA GLY A 103 -5.84 -18.01 -5.92
C GLY A 103 -6.81 -17.17 -5.12
N GLU A 104 -6.73 -17.26 -3.80
CA GLU A 104 -7.59 -16.48 -2.94
C GLU A 104 -7.22 -15.02 -3.07
N VAL A 105 -5.93 -14.72 -3.18
CA VAL A 105 -5.52 -13.33 -3.39
C VAL A 105 -6.07 -12.81 -4.72
N VAL A 106 -5.93 -13.58 -5.78
CA VAL A 106 -6.39 -13.13 -7.09
C VAL A 106 -7.91 -12.88 -7.07
N GLU A 107 -8.68 -13.79 -6.49
CA GLU A 107 -10.12 -13.60 -6.38
C GLU A 107 -10.48 -12.34 -5.58
N LEU A 108 -9.77 -12.12 -4.49
CA LEU A 108 -9.96 -10.94 -3.65
C LEU A 108 -9.83 -9.64 -4.46
N THR A 109 -8.81 -9.55 -5.32
CA THR A 109 -8.55 -8.32 -6.03
C THR A 109 -9.65 -8.03 -7.04
N GLY A 110 -10.37 -9.05 -7.50
CA GLY A 110 -11.31 -8.86 -8.58
C GLY A 110 -10.57 -8.50 -9.86
N ALA A 111 -9.29 -8.82 -9.94
CA ALA A 111 -8.42 -8.30 -11.01
C ALA A 111 -8.57 -9.01 -12.36
N ARG A 112 -9.08 -10.23 -12.35
CA ARG A 112 -9.16 -11.04 -13.58
C ARG A 112 -10.57 -11.60 -13.69
N MSE A 113 -11.52 -10.85 -13.15
CA MSE A 113 -12.93 -11.21 -13.22
C MSE A 113 -13.72 -10.02 -13.77
O MSE A 113 -13.54 -8.89 -13.31
CB MSE A 113 -13.43 -11.56 -11.83
CG MSE A 113 -12.83 -12.81 -11.25
SE MSE A 113 -13.26 -12.95 -9.38
CE MSE A 113 -14.61 -11.52 -9.26
N VAL A 114 -14.61 -10.29 -14.73
CA VAL A 114 -15.44 -9.24 -15.34
C VAL A 114 -16.63 -8.86 -14.43
ZN ZN B . 2.78 0.30 -0.86
C TRS C . -5.96 5.63 9.54
C1 TRS C . -7.17 4.81 9.05
C2 TRS C . -4.95 5.81 8.40
C3 TRS C . -5.27 4.88 10.69
N TRS C . -6.43 6.96 10.04
O1 TRS C . -7.90 5.55 8.05
O2 TRS C . -3.91 6.68 8.82
O3 TRS C . -5.24 3.51 10.33
CL CL D . 11.13 10.70 -11.08
CL CL E . 13.79 1.03 5.36
CL CL F . 7.18 8.37 18.20
CL CL G . 12.08 6.11 -3.94
CL CL H . 7.30 18.36 -1.28
CL CL I . -4.94 1.85 -9.44
CL CL J . -1.32 -1.00 17.46
#